data_3LRN
#
_entry.id   3LRN
#
_cell.length_a   41.490
_cell.length_b   96.330
_cell.length_c   103.400
_cell.angle_alpha   90.00
_cell.angle_beta   90.00
_cell.angle_gamma   90.00
#
_symmetry.space_group_name_H-M   'P 21 21 21'
#
loop_
_entity.id
_entity.type
_entity.pdbx_description
1 polymer 'Probable ATP-dependent RNA helicase DDX58'
2 polymer "RNA (5'-R(*(GTP)P*GP*CP*GP*CP*GP*CP*GP*CP*GP*CP*GP*CP*C)-3')"
3 non-polymer 'ZINC ION'
4 water water
#
loop_
_entity_poly.entity_id
_entity_poly.type
_entity_poly.pdbx_seq_one_letter_code
_entity_poly.pdbx_strand_id
1 'polypeptide(L)'
;KENKKLLCRKCKALACYTADVRVIEESHYTVLGDAFKECFVSRPHPKPKQFSSFEKRAKIFCARQNCSHDWGIHVKYKTF
EIPVIKIESFVVEDIATGVQTLYSKWKDFHFEKIPFDPAEM
;
A,B
2 'polyribonucleotide' (GTP)GCGCGCGCGCGCC C,D
#
loop_
_chem_comp.id
_chem_comp.type
_chem_comp.name
_chem_comp.formula
C RNA linking CYTIDINE-5'-MONOPHOSPHATE 'C9 H14 N3 O8 P'
G RNA linking GUANOSINE-5'-MONOPHOSPHATE 'C10 H14 N5 O8 P'
GTP non-polymer GUANOSINE-5'-TRIPHOSPHATE 'C10 H16 N5 O14 P3'
ZN non-polymer 'ZINC ION' 'Zn 2'
#
# COMPACT_ATOMS: atom_id res chain seq x y z
N LYS A 1 -5.97 -12.89 -29.68
CA LYS A 1 -6.14 -11.39 -29.64
C LYS A 1 -5.05 -10.72 -30.44
N GLU A 2 -5.18 -9.42 -30.62
CA GLU A 2 -4.19 -8.67 -31.39
C GLU A 2 -2.80 -8.83 -30.80
N ASN A 3 -1.84 -9.01 -31.70
CA ASN A 3 -0.47 -9.13 -31.31
C ASN A 3 -0.12 -7.71 -30.88
N LYS A 4 0.80 -7.60 -29.93
CA LYS A 4 1.19 -6.32 -29.42
C LYS A 4 2.69 -6.16 -29.21
N LYS A 5 3.11 -4.92 -29.01
CA LYS A 5 4.50 -4.69 -28.82
C LYS A 5 4.77 -4.32 -27.39
N LEU A 6 5.86 -4.88 -26.85
CA LEU A 6 6.28 -4.52 -25.51
C LEU A 6 7.50 -3.64 -25.72
N LEU A 7 7.43 -2.43 -25.17
CA LEU A 7 8.54 -1.49 -25.25
C LEU A 7 9.00 -1.19 -23.83
N CYS A 8 10.28 -0.89 -23.66
CA CYS A 8 10.81 -0.58 -22.36
C CYS A 8 10.04 0.59 -21.80
N ARG A 9 9.53 0.38 -20.61
CA ARG A 9 8.78 1.42 -19.97
C ARG A 9 9.61 2.69 -20.05
N LYS A 10 10.93 2.54 -19.90
CA LYS A 10 11.86 3.68 -19.88
C LYS A 10 12.33 4.37 -21.16
N CYS A 11 12.98 3.64 -22.07
CA CYS A 11 13.47 4.27 -23.31
C CYS A 11 12.53 4.12 -24.49
N LYS A 12 11.64 3.15 -24.41
CA LYS A 12 10.65 2.89 -25.45
C LYS A 12 11.09 1.99 -26.57
N ALA A 13 12.31 1.48 -26.48
CA ALA A 13 12.84 0.55 -27.45
C ALA A 13 11.96 -0.71 -27.56
N LEU A 14 11.97 -1.31 -28.73
CA LEU A 14 11.20 -2.50 -28.96
C LEU A 14 11.91 -3.70 -28.33
N ALA A 15 11.19 -4.45 -27.50
CA ALA A 15 11.75 -5.65 -26.87
C ALA A 15 11.27 -6.90 -27.61
N CYS A 16 9.96 -7.05 -27.75
CA CYS A 16 9.38 -8.20 -28.40
C CYS A 16 7.90 -7.94 -28.73
N TYR A 17 7.23 -8.94 -29.29
CA TYR A 17 5.80 -8.87 -29.59
C TYR A 17 5.25 -10.03 -28.80
N THR A 18 4.08 -9.87 -28.24
CA THR A 18 3.50 -10.96 -27.49
C THR A 18 3.55 -12.27 -28.28
N ALA A 19 3.67 -12.14 -29.59
CA ALA A 19 3.72 -13.31 -30.43
C ALA A 19 4.82 -14.24 -29.96
N ASP A 20 5.96 -13.66 -29.60
CA ASP A 20 7.11 -14.42 -29.16
C ASP A 20 7.12 -14.70 -27.66
N VAL A 21 6.01 -14.40 -26.98
CA VAL A 21 5.93 -14.60 -25.55
C VAL A 21 5.41 -15.98 -25.18
N ARG A 22 5.89 -16.52 -24.06
CA ARG A 22 5.45 -17.82 -23.56
C ARG A 22 5.21 -17.74 -22.06
N VAL A 23 4.29 -18.58 -21.56
CA VAL A 23 3.98 -18.58 -20.13
C VAL A 23 4.37 -19.87 -19.48
N ILE A 24 4.85 -19.77 -18.24
CA ILE A 24 5.33 -20.94 -17.50
C ILE A 24 4.56 -21.08 -16.20
N GLU A 25 3.93 -22.23 -16.04
CA GLU A 25 3.15 -22.49 -14.85
C GLU A 25 2.09 -21.42 -14.62
N GLU A 26 1.56 -20.85 -15.71
CA GLU A 26 0.51 -19.84 -15.70
C GLU A 26 0.83 -18.52 -14.98
N SER A 27 2.10 -18.24 -14.73
CA SER A 27 2.38 -17.01 -14.04
C SER A 27 3.71 -16.38 -14.37
N HIS A 28 4.56 -17.15 -15.00
CA HIS A 28 5.88 -16.70 -15.40
C HIS A 28 6.00 -16.56 -16.91
N TYR A 29 6.44 -15.38 -17.32
CA TYR A 29 6.55 -15.10 -18.72
C TYR A 29 7.96 -14.99 -19.23
N THR A 30 8.18 -15.59 -20.40
CA THR A 30 9.49 -15.54 -21.05
C THR A 30 9.34 -15.22 -22.54
N VAL A 31 10.46 -14.90 -23.20
CA VAL A 31 10.43 -14.56 -24.62
C VAL A 31 11.30 -15.50 -25.48
N LEU A 32 10.77 -15.98 -26.62
CA LEU A 32 11.50 -16.85 -27.54
C LEU A 32 12.40 -16.13 -28.54
N GLY A 33 13.42 -16.85 -29.02
CA GLY A 33 14.34 -16.33 -30.01
C GLY A 33 15.54 -15.49 -29.64
N ASP A 34 16.62 -15.68 -30.41
CA ASP A 34 17.88 -14.96 -30.21
C ASP A 34 17.67 -13.46 -30.31
N ALA A 35 16.67 -13.07 -31.11
CA ALA A 35 16.34 -11.65 -31.29
C ALA A 35 16.13 -10.97 -29.93
N PHE A 36 15.33 -11.60 -29.07
CA PHE A 36 15.12 -11.03 -27.76
C PHE A 36 16.41 -11.00 -26.95
N LYS A 37 17.29 -11.96 -27.20
CA LYS A 37 18.58 -11.99 -26.50
C LYS A 37 19.34 -10.70 -26.75
N GLU A 38 19.51 -10.30 -28.01
CA GLU A 38 20.26 -9.06 -28.25
C GLU A 38 19.66 -7.83 -27.59
N CYS A 39 18.41 -7.95 -27.12
CA CYS A 39 17.70 -6.83 -26.51
C CYS A 39 17.96 -6.54 -25.02
N PHE A 40 18.54 -7.49 -24.31
CA PHE A 40 18.83 -7.29 -22.90
C PHE A 40 20.20 -7.86 -22.52
N VAL A 41 20.64 -7.49 -21.33
CA VAL A 41 21.89 -8.01 -20.80
C VAL A 41 21.51 -8.42 -19.41
N SER A 42 22.08 -9.53 -18.98
CA SER A 42 21.83 -10.04 -17.64
C SER A 42 23.05 -9.72 -16.78
N ARG A 43 22.90 -9.91 -15.48
CA ARG A 43 23.99 -9.63 -14.58
C ARG A 43 23.76 -10.27 -13.21
N PRO A 44 24.72 -11.12 -12.76
CA PRO A 44 24.71 -11.85 -11.49
C PRO A 44 23.71 -11.31 -10.49
N HIS A 45 22.80 -12.17 -10.04
CA HIS A 45 21.79 -11.74 -9.10
C HIS A 45 22.35 -11.67 -7.67
N PRO A 46 22.23 -10.50 -7.03
CA PRO A 46 22.70 -10.24 -5.66
C PRO A 46 22.14 -11.16 -4.60
N LYS A 47 21.03 -11.79 -4.91
CA LYS A 47 20.42 -12.69 -3.97
C LYS A 47 19.68 -13.80 -4.66
N PRO A 48 20.43 -14.61 -5.40
CA PRO A 48 19.87 -15.74 -6.14
C PRO A 48 18.94 -16.48 -5.17
N LYS A 49 18.09 -17.36 -5.72
CA LYS A 49 17.13 -18.15 -4.93
C LYS A 49 16.54 -19.25 -5.77
N GLN A 50 16.03 -20.25 -5.09
CA GLN A 50 15.39 -21.35 -5.77
C GLN A 50 13.96 -21.35 -5.29
N PHE A 51 13.03 -21.25 -6.22
CA PHE A 51 11.64 -21.28 -5.85
C PHE A 51 10.89 -21.98 -6.96
N SER A 52 9.85 -22.72 -6.58
CA SER A 52 9.04 -23.44 -7.55
C SER A 52 9.96 -24.20 -8.47
N SER A 53 9.86 -23.98 -9.78
CA SER A 53 10.73 -24.74 -10.69
C SER A 53 12.01 -24.04 -11.15
N PHE A 54 12.33 -22.88 -10.60
CA PHE A 54 13.50 -22.14 -11.03
C PHE A 54 14.66 -21.94 -10.05
N GLU A 55 15.81 -21.62 -10.62
CA GLU A 55 16.91 -21.17 -9.77
C GLU A 55 17.09 -19.75 -10.32
N LYS A 56 16.65 -18.74 -9.56
CA LYS A 56 16.79 -17.34 -10.01
C LYS A 56 18.28 -17.05 -9.96
N ARG A 57 18.92 -16.88 -11.12
CA ARG A 57 20.37 -16.64 -11.17
C ARG A 57 20.82 -15.24 -11.58
N ALA A 58 20.08 -14.63 -12.48
CA ALA A 58 20.48 -13.32 -12.92
C ALA A 58 19.37 -12.31 -12.96
N LYS A 59 19.80 -11.06 -13.01
CA LYS A 59 18.88 -9.95 -13.08
C LYS A 59 19.05 -9.39 -14.52
N ILE A 60 17.98 -9.19 -15.27
CA ILE A 60 18.15 -8.65 -16.63
C ILE A 60 17.75 -7.19 -16.81
N PHE A 61 18.34 -6.57 -17.83
CA PHE A 61 18.09 -5.15 -18.09
C PHE A 61 18.06 -4.81 -19.58
N CYS A 62 17.31 -3.76 -19.90
CA CYS A 62 17.21 -3.24 -21.26
C CYS A 62 18.65 -3.04 -21.78
N ALA A 63 19.01 -3.67 -22.89
CA ALA A 63 20.38 -3.54 -23.39
C ALA A 63 20.72 -2.26 -24.15
N ARG A 64 20.01 -1.17 -23.91
CA ARG A 64 20.33 0.06 -24.63
C ARG A 64 21.14 1.05 -23.82
N GLN A 65 21.98 1.77 -24.56
CA GLN A 65 22.92 2.77 -24.08
C GLN A 65 22.72 3.32 -22.70
N ASN A 66 21.91 4.36 -22.61
CA ASN A 66 21.70 5.03 -21.34
C ASN A 66 20.36 4.74 -20.62
N CYS A 67 19.84 3.51 -20.73
CA CYS A 67 18.60 3.15 -20.06
C CYS A 67 18.80 2.13 -18.94
N SER A 68 19.31 0.97 -19.34
CA SER A 68 19.60 -0.18 -18.45
C SER A 68 18.53 -0.38 -17.39
N HIS A 69 17.29 -0.29 -17.85
CA HIS A 69 16.10 -0.45 -17.02
C HIS A 69 15.97 -1.92 -16.70
N ASP A 70 15.72 -2.22 -15.43
CA ASP A 70 15.56 -3.58 -14.96
C ASP A 70 14.28 -4.21 -15.61
N TRP A 71 14.51 -5.22 -16.43
CA TRP A 71 13.44 -5.89 -17.12
C TRP A 71 12.97 -7.17 -16.40
N GLY A 72 13.71 -7.58 -15.38
CA GLY A 72 13.34 -8.79 -14.70
C GLY A 72 14.53 -9.68 -14.42
N ILE A 73 14.36 -10.98 -14.59
CA ILE A 73 15.41 -11.95 -14.25
C ILE A 73 15.79 -12.94 -15.35
N HIS A 74 16.76 -13.77 -15.02
CA HIS A 74 17.21 -14.82 -15.92
C HIS A 74 17.34 -15.99 -14.94
N VAL A 75 16.86 -17.16 -15.34
CA VAL A 75 16.85 -18.32 -14.45
C VAL A 75 17.18 -19.63 -15.14
N LYS A 76 17.41 -20.66 -14.34
CA LYS A 76 17.61 -21.98 -14.89
C LYS A 76 16.23 -22.64 -14.69
N TYR A 77 15.68 -23.18 -15.78
CA TYR A 77 14.40 -23.86 -15.76
C TYR A 77 14.62 -25.21 -16.39
N LYS A 78 14.44 -26.28 -15.62
CA LYS A 78 14.68 -27.62 -16.16
C LYS A 78 16.16 -27.58 -16.59
N THR A 79 16.43 -27.79 -17.88
CA THR A 79 17.80 -27.73 -18.40
C THR A 79 18.04 -26.45 -19.21
N PHE A 80 17.05 -25.56 -19.25
CA PHE A 80 17.16 -24.30 -20.01
C PHE A 80 17.49 -23.10 -19.14
N GLU A 81 18.19 -22.15 -19.73
CA GLU A 81 18.47 -20.90 -19.03
C GLU A 81 17.62 -19.92 -19.83
N ILE A 82 16.78 -19.14 -19.15
CA ILE A 82 15.87 -18.24 -19.87
C ILE A 82 15.48 -16.98 -19.14
N PRO A 83 15.03 -15.98 -19.88
CA PRO A 83 14.61 -14.71 -19.25
C PRO A 83 13.11 -14.79 -18.77
N VAL A 84 12.81 -14.23 -17.61
CA VAL A 84 11.45 -14.21 -17.12
C VAL A 84 11.24 -12.74 -16.85
N ILE A 85 10.34 -12.13 -17.63
CA ILE A 85 10.08 -10.71 -17.55
C ILE A 85 8.85 -10.37 -16.75
N LYS A 86 8.81 -9.10 -16.32
CA LYS A 86 7.71 -8.53 -15.55
C LYS A 86 7.07 -7.41 -16.37
N ILE A 87 5.82 -7.61 -16.74
CA ILE A 87 5.08 -6.67 -17.53
C ILE A 87 5.17 -5.21 -17.04
N GLU A 88 5.41 -5.03 -15.76
CA GLU A 88 5.52 -3.68 -15.24
C GLU A 88 6.66 -2.86 -15.82
N SER A 89 7.72 -3.52 -16.24
CA SER A 89 8.86 -2.80 -16.83
C SER A 89 8.73 -2.47 -18.32
N PHE A 90 7.57 -2.70 -18.92
CA PHE A 90 7.39 -2.44 -20.35
C PHE A 90 6.12 -1.64 -20.59
N VAL A 91 5.89 -1.18 -21.82
CA VAL A 91 4.66 -0.48 -22.17
C VAL A 91 4.07 -1.28 -23.33
N VAL A 92 2.79 -1.62 -23.26
CA VAL A 92 2.16 -2.38 -24.33
C VAL A 92 1.62 -1.43 -25.36
N GLU A 93 2.00 -1.62 -26.61
CA GLU A 93 1.53 -0.74 -27.63
C GLU A 93 0.72 -1.53 -28.63
N ASP A 94 -0.54 -1.11 -28.82
CA ASP A 94 -1.40 -1.79 -29.77
C ASP A 94 -0.94 -1.39 -31.15
N ILE A 95 -0.77 -2.36 -32.04
CA ILE A 95 -0.29 -2.08 -33.38
C ILE A 95 -1.19 -1.31 -34.33
N ALA A 96 -2.48 -1.58 -34.32
CA ALA A 96 -3.35 -0.92 -35.27
C ALA A 96 -3.81 0.42 -34.79
N THR A 97 -3.51 0.79 -33.55
CA THR A 97 -3.98 2.07 -33.03
C THR A 97 -2.89 2.93 -32.40
N GLY A 98 -1.81 2.29 -31.98
CA GLY A 98 -0.72 3.01 -31.34
C GLY A 98 -0.98 3.19 -29.86
N VAL A 99 -2.23 2.95 -29.45
CA VAL A 99 -2.62 3.05 -28.05
C VAL A 99 -1.58 2.31 -27.20
N GLN A 100 -1.30 2.83 -26.01
CA GLN A 100 -0.30 2.21 -25.17
C GLN A 100 -0.94 2.01 -23.80
N THR A 101 -0.42 1.04 -23.08
CA THR A 101 -0.99 0.67 -21.83
C THR A 101 0.09 0.25 -20.84
N LEU A 102 -0.13 0.63 -19.58
CA LEU A 102 0.79 0.31 -18.50
C LEU A 102 0.14 -0.74 -17.58
N TYR A 103 0.70 -1.94 -17.56
CA TYR A 103 0.19 -3.00 -16.70
C TYR A 103 1.17 -3.14 -15.55
N SER A 104 0.68 -3.58 -14.41
CA SER A 104 1.55 -3.76 -13.26
C SER A 104 1.66 -5.22 -12.98
N LYS A 105 0.58 -5.93 -13.27
CA LYS A 105 0.50 -7.37 -13.07
C LYS A 105 0.12 -8.05 -14.38
N TRP A 106 0.71 -9.21 -14.64
CA TRP A 106 0.37 -9.95 -15.86
C TRP A 106 -1.14 -10.38 -15.96
N LYS A 107 -1.72 -10.87 -14.87
CA LYS A 107 -3.15 -11.24 -14.81
C LYS A 107 -4.09 -10.20 -15.49
N ASP A 108 -3.70 -8.91 -15.47
CA ASP A 108 -4.50 -7.82 -16.02
C ASP A 108 -4.40 -7.57 -17.52
N PHE A 109 -3.31 -8.04 -18.10
CA PHE A 109 -3.03 -7.90 -19.52
C PHE A 109 -3.56 -9.19 -20.14
N HIS A 110 -4.69 -9.11 -20.83
CA HIS A 110 -5.32 -10.29 -21.42
C HIS A 110 -4.98 -10.36 -22.86
N PHE A 111 -4.02 -11.21 -23.20
CA PHE A 111 -3.63 -11.39 -24.59
C PHE A 111 -3.53 -12.89 -24.70
N GLU A 112 -3.15 -13.40 -25.86
CA GLU A 112 -3.07 -14.85 -26.01
C GLU A 112 -1.83 -15.37 -25.33
N LYS A 113 -2.05 -16.06 -24.22
CA LYS A 113 -0.95 -16.62 -23.43
C LYS A 113 -0.68 -18.08 -23.77
N ILE A 114 0.32 -18.30 -24.63
CA ILE A 114 0.69 -19.65 -25.03
C ILE A 114 1.65 -20.25 -23.99
N PRO A 115 1.29 -21.41 -23.42
CA PRO A 115 2.15 -22.06 -22.42
C PRO A 115 3.55 -22.33 -23.00
N PHE A 116 4.56 -22.23 -22.14
CA PHE A 116 5.95 -22.48 -22.56
C PHE A 116 6.02 -23.87 -23.13
N ASP A 117 6.91 -24.08 -24.09
CA ASP A 117 6.97 -25.41 -24.67
C ASP A 117 8.36 -25.94 -24.96
N PRO A 118 8.63 -27.17 -24.47
CA PRO A 118 9.90 -27.88 -24.64
C PRO A 118 10.18 -28.10 -26.14
N ALA A 119 9.26 -28.78 -26.82
CA ALA A 119 9.36 -29.05 -28.26
C ALA A 119 9.95 -27.87 -29.01
N GLU A 120 9.32 -26.70 -28.90
CA GLU A 120 9.80 -25.49 -29.57
C GLU A 120 11.30 -25.28 -29.39
N MET A 121 11.80 -25.59 -28.19
CA MET A 121 13.22 -25.45 -27.91
C MET A 121 13.88 -26.81 -27.72
N LYS B 1 -16.24 -6.54 19.83
CA LYS B 1 -17.41 -5.63 19.95
C LYS B 1 -17.63 -5.13 21.35
N GLU B 2 -16.87 -5.67 22.29
CA GLU B 2 -16.98 -5.25 23.68
C GLU B 2 -16.40 -3.83 23.91
N ASN B 3 -16.46 -3.41 25.17
CA ASN B 3 -15.96 -2.10 25.58
C ASN B 3 -14.47 -2.24 25.85
N LYS B 4 -13.67 -1.42 25.15
CA LYS B 4 -12.23 -1.47 25.29
C LYS B 4 -11.78 -0.15 25.91
N LYS B 5 -10.56 -0.14 26.41
CA LYS B 5 -9.98 1.07 26.96
C LYS B 5 -9.02 1.62 25.91
N LEU B 6 -8.94 2.95 25.82
CA LEU B 6 -7.96 3.54 24.91
C LEU B 6 -6.87 4.03 25.82
N LEU B 7 -5.64 3.74 25.45
CA LEU B 7 -4.50 4.19 26.21
C LEU B 7 -3.51 4.93 25.32
N CYS B 8 -2.90 6.00 25.88
CA CYS B 8 -1.88 6.81 25.19
C CYS B 8 -0.84 5.82 24.76
N ARG B 9 -0.63 5.71 23.45
CA ARG B 9 0.32 4.74 22.92
C ARG B 9 1.72 4.86 23.46
N LYS B 10 2.13 6.06 23.84
CA LYS B 10 3.48 6.27 24.34
C LYS B 10 3.71 6.02 25.82
N CYS B 11 2.83 6.53 26.69
CA CYS B 11 3.01 6.37 28.14
C CYS B 11 2.10 5.33 28.82
N LYS B 12 1.10 4.85 28.08
CA LYS B 12 0.18 3.79 28.54
C LYS B 12 -0.95 4.22 29.45
N ALA B 13 -1.01 5.52 29.70
CA ALA B 13 -2.04 6.12 30.53
C ALA B 13 -3.42 5.90 29.95
N LEU B 14 -4.41 5.86 30.84
CA LEU B 14 -5.80 5.68 30.45
C LEU B 14 -6.26 7.01 29.89
N ALA B 15 -6.88 6.97 28.72
CA ALA B 15 -7.40 8.15 28.07
C ALA B 15 -8.92 8.05 28.21
N CYS B 16 -9.48 7.03 27.59
CA CYS B 16 -10.91 6.87 27.69
C CYS B 16 -11.39 5.44 27.33
N TYR B 17 -12.71 5.26 27.26
CA TYR B 17 -13.30 3.97 26.90
C TYR B 17 -13.97 4.12 25.54
N THR B 18 -14.21 2.99 24.90
CA THR B 18 -14.83 2.96 23.58
C THR B 18 -16.30 3.31 23.66
N ALA B 19 -16.91 3.12 24.82
CA ALA B 19 -18.30 3.46 24.98
C ALA B 19 -18.48 4.99 24.87
N ASP B 20 -17.44 5.75 25.22
CA ASP B 20 -17.54 7.20 25.17
C ASP B 20 -17.26 7.83 23.82
N VAL B 21 -16.64 7.06 22.93
CA VAL B 21 -16.30 7.57 21.62
C VAL B 21 -17.55 7.79 20.81
N ARG B 22 -17.45 8.68 19.83
CA ARG B 22 -18.56 8.98 18.92
C ARG B 22 -17.99 9.40 17.59
N VAL B 23 -18.62 8.96 16.52
CA VAL B 23 -18.13 9.28 15.21
C VAL B 23 -18.91 10.38 14.47
N ILE B 24 -18.15 11.42 14.11
CA ILE B 24 -18.65 12.59 13.40
C ILE B 24 -18.51 12.44 11.89
N GLU B 25 -19.64 12.53 11.19
CA GLU B 25 -19.67 12.43 9.74
C GLU B 25 -18.86 11.25 9.19
N GLU B 26 -18.98 10.12 9.87
CA GLU B 26 -18.31 8.89 9.47
C GLU B 26 -16.79 8.84 9.39
N SER B 27 -16.08 9.85 9.87
CA SER B 27 -14.63 9.76 9.75
C SER B 27 -13.84 10.33 10.89
N HIS B 28 -14.51 11.03 11.77
CA HIS B 28 -13.80 11.63 12.89
C HIS B 28 -14.28 11.17 14.24
N TYR B 29 -13.32 10.98 15.12
CA TYR B 29 -13.63 10.45 16.41
C TYR B 29 -13.37 11.38 17.56
N THR B 30 -14.43 11.72 18.26
CA THR B 30 -14.29 12.57 19.40
C THR B 30 -14.55 11.70 20.64
N VAL B 31 -14.61 12.30 21.83
CA VAL B 31 -14.83 11.58 23.09
C VAL B 31 -15.75 12.43 23.98
N LEU B 32 -16.78 11.79 24.55
CA LEU B 32 -17.71 12.44 25.43
C LEU B 32 -17.23 12.34 26.86
N GLY B 33 -17.75 13.24 27.72
CA GLY B 33 -17.43 13.28 29.15
C GLY B 33 -16.25 14.08 29.68
N ASP B 34 -16.31 14.42 30.97
CA ASP B 34 -15.24 15.19 31.62
C ASP B 34 -13.96 14.41 31.90
N ALA B 35 -14.11 13.12 32.19
CA ALA B 35 -12.96 12.29 32.48
C ALA B 35 -11.89 12.47 31.37
N PHE B 36 -12.33 12.43 30.12
CA PHE B 36 -11.40 12.57 28.99
C PHE B 36 -10.77 13.96 28.94
N LYS B 37 -11.45 14.93 29.51
CA LYS B 37 -10.91 16.27 29.51
C LYS B 37 -9.83 16.38 30.55
N GLU B 38 -9.90 15.54 31.57
CA GLU B 38 -8.86 15.57 32.58
C GLU B 38 -7.63 14.86 32.01
N CYS B 39 -7.71 14.38 30.78
CA CYS B 39 -6.59 13.61 30.22
C CYS B 39 -5.70 14.19 29.14
N PHE B 40 -6.12 15.30 28.56
CA PHE B 40 -5.34 15.94 27.53
C PHE B 40 -5.18 17.44 27.76
N VAL B 41 -4.19 18.03 27.15
CA VAL B 41 -3.98 19.45 27.28
C VAL B 41 -4.04 19.97 25.86
N SER B 42 -4.56 21.18 25.67
CA SER B 42 -4.62 21.77 24.32
C SER B 42 -3.54 22.82 24.20
N ARG B 43 -3.11 23.06 22.97
CA ARG B 43 -2.07 23.99 22.65
C ARG B 43 -2.37 24.56 21.28
N PRO B 44 -2.01 25.84 21.04
CA PRO B 44 -2.24 26.53 19.76
C PRO B 44 -1.96 25.63 18.55
N HIS B 45 -2.82 25.62 17.56
CA HIS B 45 -2.52 24.75 16.44
C HIS B 45 -1.53 25.42 15.50
N PRO B 46 -0.35 24.82 15.30
CA PRO B 46 0.66 25.40 14.41
C PRO B 46 0.19 25.98 13.07
N LYS B 47 -0.73 25.28 12.40
CA LYS B 47 -1.19 25.74 11.10
C LYS B 47 -2.67 25.43 10.90
N PRO B 48 -3.53 26.23 11.53
CA PRO B 48 -4.98 26.04 11.43
C PRO B 48 -5.46 25.95 9.99
N LYS B 49 -6.58 25.26 9.79
CA LYS B 49 -7.16 25.07 8.48
C LYS B 49 -8.66 25.06 8.64
N GLN B 50 -9.35 24.44 7.70
CA GLN B 50 -10.80 24.37 7.75
C GLN B 50 -11.29 23.33 6.74
N PHE B 51 -11.47 22.10 7.18
CA PHE B 51 -11.96 21.03 6.32
C PHE B 51 -13.43 20.76 6.58
N SER B 52 -14.24 20.73 5.51
CA SER B 52 -15.70 20.51 5.64
C SER B 52 -16.30 21.40 6.75
N SER B 53 -17.16 20.83 7.58
CA SER B 53 -17.79 21.57 8.66
C SER B 53 -16.95 21.76 9.92
N PHE B 54 -15.65 21.50 9.85
CA PHE B 54 -14.77 21.66 11.02
C PHE B 54 -13.84 22.81 10.81
N GLU B 55 -13.21 23.24 11.89
CA GLU B 55 -12.21 24.30 11.85
C GLU B 55 -11.14 23.95 12.91
N LYS B 56 -9.92 23.75 12.46
CA LYS B 56 -8.84 23.41 13.37
C LYS B 56 -8.59 24.57 14.31
N ARG B 57 -8.80 24.34 15.60
CA ARG B 57 -8.57 25.36 16.62
C ARG B 57 -7.38 25.05 17.54
N ALA B 58 -6.90 23.80 17.56
CA ALA B 58 -5.75 23.44 18.39
C ALA B 58 -5.23 22.02 18.25
N LYS B 59 -4.08 21.81 18.86
CA LYS B 59 -3.48 20.49 18.92
C LYS B 59 -3.68 20.00 20.37
N ILE B 60 -4.06 18.75 20.54
CA ILE B 60 -4.25 18.24 21.88
C ILE B 60 -3.21 17.15 22.15
N PHE B 61 -2.76 17.06 23.39
CA PHE B 61 -1.73 16.11 23.75
C PHE B 61 -2.00 15.37 25.04
N CYS B 62 -1.33 14.26 25.22
CA CYS B 62 -1.50 13.52 26.46
C CYS B 62 -1.15 14.49 27.62
N ALA B 63 -1.92 14.40 28.71
CA ALA B 63 -1.74 15.24 29.90
C ALA B 63 -0.49 14.93 30.76
N ARG B 64 -0.21 13.65 30.94
CA ARG B 64 0.94 13.22 31.72
C ARG B 64 2.16 13.98 31.21
N GLN B 65 2.60 14.94 32.02
CA GLN B 65 3.74 15.79 31.72
C GLN B 65 4.93 15.15 31.00
N ASN B 66 5.45 14.07 31.57
CA ASN B 66 6.60 13.43 30.94
C ASN B 66 6.28 12.73 29.63
N CYS B 67 5.04 12.85 29.17
CA CYS B 67 4.64 12.19 27.94
C CYS B 67 4.36 13.20 26.84
N SER B 68 3.28 13.96 27.01
CA SER B 68 2.90 14.98 26.05
C SER B 68 2.72 14.43 24.63
N HIS B 69 2.31 13.18 24.55
CA HIS B 69 2.14 12.58 23.24
C HIS B 69 0.93 13.17 22.50
N ASP B 70 1.20 13.57 21.27
CA ASP B 70 0.20 14.17 20.40
C ASP B 70 -0.94 13.18 20.27
N TRP B 71 -2.17 13.62 20.57
CA TRP B 71 -3.35 12.75 20.44
C TRP B 71 -4.25 13.20 19.32
N GLY B 72 -4.04 14.41 18.81
CA GLY B 72 -4.87 14.89 17.71
C GLY B 72 -5.17 16.38 17.74
N ILE B 73 -6.42 16.75 17.53
CA ILE B 73 -6.75 18.16 17.49
C ILE B 73 -8.00 18.51 18.25
N HIS B 74 -8.30 19.80 18.26
CA HIS B 74 -9.50 20.28 18.87
C HIS B 74 -10.13 21.22 17.87
N VAL B 75 -11.40 20.97 17.57
CA VAL B 75 -12.11 21.74 16.58
C VAL B 75 -13.51 22.23 16.96
N LYS B 76 -14.02 23.13 16.11
CA LYS B 76 -15.35 23.64 16.27
C LYS B 76 -16.16 22.88 15.23
N TYR B 77 -17.11 22.09 15.69
CA TYR B 77 -18.00 21.35 14.80
C TYR B 77 -19.31 22.02 15.10
N LYS B 78 -19.84 22.75 14.12
CA LYS B 78 -21.09 23.46 14.30
C LYS B 78 -20.99 24.32 15.57
N THR B 79 -21.86 24.07 16.54
CA THR B 79 -21.84 24.84 17.77
C THR B 79 -21.04 24.17 18.87
N PHE B 80 -20.23 23.18 18.51
CA PHE B 80 -19.47 22.46 19.51
C PHE B 80 -17.97 22.61 19.36
N GLU B 81 -17.28 22.59 20.49
CA GLU B 81 -15.83 22.65 20.52
C GLU B 81 -15.55 21.25 21.05
N ILE B 82 -14.85 20.45 20.26
CA ILE B 82 -14.67 19.08 20.68
C ILE B 82 -13.36 18.54 20.22
N PRO B 83 -12.83 17.55 20.93
CA PRO B 83 -11.56 16.93 20.53
C PRO B 83 -11.81 15.87 19.46
N VAL B 84 -10.91 15.83 18.49
CA VAL B 84 -10.95 14.87 17.42
C VAL B 84 -9.63 14.07 17.50
N ILE B 85 -9.73 12.78 17.82
CA ILE B 85 -8.56 11.92 17.97
C ILE B 85 -8.25 10.95 16.83
N LYS B 86 -6.97 10.53 16.79
CA LYS B 86 -6.51 9.58 15.78
C LYS B 86 -6.00 8.33 16.47
N ILE B 87 -6.70 7.22 16.26
CA ILE B 87 -6.36 5.96 16.95
C ILE B 87 -4.87 5.62 17.00
N GLU B 88 -4.14 6.01 15.97
CA GLU B 88 -2.70 5.76 15.89
C GLU B 88 -1.88 6.32 17.09
N SER B 89 -2.47 7.19 17.90
CA SER B 89 -1.78 7.75 19.05
C SER B 89 -2.18 7.01 20.30
N PHE B 90 -2.94 5.93 20.12
CA PHE B 90 -3.42 5.17 21.25
C PHE B 90 -3.20 3.68 21.14
N VAL B 91 -3.42 3.00 22.26
CA VAL B 91 -3.33 1.56 22.28
C VAL B 91 -4.67 1.12 22.82
N VAL B 92 -5.36 0.30 22.05
CA VAL B 92 -6.65 -0.22 22.43
C VAL B 92 -6.49 -1.45 23.33
N GLU B 93 -6.86 -1.34 24.61
CA GLU B 93 -6.72 -2.47 25.53
C GLU B 93 -8.02 -3.18 25.82
N ASP B 94 -8.04 -4.50 25.64
CA ASP B 94 -9.23 -5.31 25.92
C ASP B 94 -9.32 -5.39 27.44
N ILE B 95 -10.43 -4.93 27.99
CA ILE B 95 -10.53 -4.93 29.44
C ILE B 95 -10.33 -6.28 30.15
N ALA B 96 -11.00 -7.33 29.70
CA ALA B 96 -10.85 -8.66 30.34
C ALA B 96 -9.41 -9.18 30.40
N THR B 97 -8.73 -9.16 29.26
CA THR B 97 -7.36 -9.67 29.08
C THR B 97 -6.09 -8.84 29.26
N GLY B 98 -6.13 -7.54 28.94
CA GLY B 98 -4.92 -6.74 29.03
C GLY B 98 -4.28 -6.70 27.64
N VAL B 99 -4.77 -7.57 26.77
CA VAL B 99 -4.31 -7.66 25.40
C VAL B 99 -4.42 -6.27 24.77
N GLN B 100 -3.37 -5.82 24.10
CA GLN B 100 -3.34 -4.48 23.48
C GLN B 100 -3.12 -4.49 21.98
N THR B 101 -3.85 -3.64 21.26
CA THR B 101 -3.78 -3.61 19.80
C THR B 101 -3.41 -2.26 19.26
N LEU B 102 -2.54 -2.26 18.27
CA LEU B 102 -2.12 -1.01 17.68
C LEU B 102 -2.72 -0.92 16.31
N TYR B 103 -3.49 0.13 16.10
CA TYR B 103 -4.10 0.41 14.82
C TYR B 103 -3.51 1.73 14.30
N SER B 104 -3.41 1.86 12.99
CA SER B 104 -2.88 3.07 12.40
C SER B 104 -4.04 3.87 11.81
N LYS B 105 -5.11 3.17 11.44
CA LYS B 105 -6.29 3.83 10.89
C LYS B 105 -7.59 3.39 11.59
N TRP B 106 -8.54 4.32 11.75
CA TRP B 106 -9.81 4.01 12.43
C TRP B 106 -10.62 2.98 11.66
N LYS B 107 -10.58 3.02 10.32
CA LYS B 107 -11.34 2.03 9.56
C LYS B 107 -11.00 0.55 9.94
N ASP B 108 -9.73 0.29 10.31
CA ASP B 108 -9.26 -1.06 10.71
C ASP B 108 -9.74 -1.52 12.08
N PHE B 109 -10.17 -0.59 12.90
CA PHE B 109 -10.60 -0.83 14.26
C PHE B 109 -12.09 -1.07 14.24
N HIS B 110 -12.52 -2.27 14.58
CA HIS B 110 -13.94 -2.54 14.54
C HIS B 110 -14.54 -2.66 15.92
N PHE B 111 -15.38 -1.71 16.28
CA PHE B 111 -16.10 -1.68 17.54
C PHE B 111 -17.42 -0.94 17.30
N GLU B 112 -18.33 -0.88 18.28
CA GLU B 112 -19.57 -0.17 17.99
C GLU B 112 -19.35 1.30 17.92
N LYS B 113 -19.39 1.77 16.68
CA LYS B 113 -19.20 3.15 16.33
C LYS B 113 -20.49 3.96 16.40
N ILE B 114 -20.79 4.40 17.61
CA ILE B 114 -21.96 5.20 17.86
C ILE B 114 -21.70 6.60 17.27
N PRO B 115 -22.63 7.09 16.40
CA PRO B 115 -22.56 8.40 15.73
C PRO B 115 -22.79 9.59 16.64
N PHE B 116 -22.07 10.68 16.38
CA PHE B 116 -22.18 11.90 17.16
C PHE B 116 -23.65 12.30 17.13
N ASP B 117 -24.21 12.61 18.28
CA ASP B 117 -25.61 13.04 18.39
C ASP B 117 -25.73 14.32 19.24
N PRO B 118 -26.06 15.46 18.61
CA PRO B 118 -26.18 16.72 19.34
C PRO B 118 -26.93 16.61 20.66
N ALA B 119 -28.05 15.89 20.66
CA ALA B 119 -28.84 15.72 21.88
C ALA B 119 -27.95 15.44 23.08
N GLU B 120 -26.97 14.57 22.89
CA GLU B 120 -26.03 14.21 23.95
C GLU B 120 -25.18 15.39 24.41
N MET B 121 -25.43 16.55 23.82
CA MET B 121 -24.70 17.77 24.11
C MET B 121 -23.51 17.82 23.16
PG GTP C 1 12.92 -9.69 -6.04
O1G GTP C 1 14.37 -9.48 -5.84
O2G GTP C 1 12.41 -10.80 -4.97
O3G GTP C 1 12.17 -8.28 -5.77
O3B GTP C 1 12.54 -10.20 -7.55
PB GTP C 1 13.69 -9.79 -8.58
O1B GTP C 1 14.12 -8.36 -8.38
O2B GTP C 1 14.90 -10.78 -8.36
O3A GTP C 1 13.25 -10.00 -10.13
PA GTP C 1 11.89 -9.24 -10.56
O1A GTP C 1 10.95 -9.20 -9.44
O2A GTP C 1 12.11 -7.77 -11.09
O5' GTP C 1 11.36 -10.04 -11.77
C5' GTP C 1 10.09 -10.30 -11.44
C4' GTP C 1 9.71 -11.47 -12.19
O4' GTP C 1 10.57 -12.61 -12.00
C3' GTP C 1 8.30 -11.80 -11.82
O3' GTP C 1 7.49 -11.40 -12.83
C2' GTP C 1 8.35 -13.27 -11.44
O2' GTP C 1 7.58 -14.04 -12.32
C1' GTP C 1 9.79 -13.67 -11.39
N9 GTP C 1 10.18 -13.78 -9.97
C8 GTP C 1 11.16 -13.07 -9.34
N7 GTP C 1 11.25 -13.39 -8.09
C5 GTP C 1 10.36 -14.35 -7.81
C6 GTP C 1 10.01 -15.06 -6.64
O6 GTP C 1 10.62 -14.88 -5.62
N1 GTP C 1 9.01 -16.01 -6.70
C2 GTP C 1 8.32 -16.22 -7.85
N2 GTP C 1 7.32 -17.16 -7.85
N3 GTP C 1 8.63 -15.56 -8.98
C4 GTP C 1 9.63 -14.61 -9.00
PG GTP D 1 -2.38 17.66 9.67
O1G GTP D 1 -1.97 19.06 9.93
O2G GTP D 1 -3.19 17.57 8.29
O3G GTP D 1 -1.05 16.76 9.51
O3B GTP D 1 -3.32 17.02 10.84
PB GTP D 1 -3.10 17.69 12.32
O1B GTP D 1 -1.71 17.68 12.77
O2B GTP D 1 -3.69 19.21 12.30
O3A GTP D 1 -3.95 16.89 13.40
PA GTP D 1 -3.71 15.31 13.44
O1A GTP D 1 -3.07 14.76 12.26
O2A GTP D 1 -2.84 14.94 14.71
O5' GTP D 1 -5.11 14.74 13.68
C5' GTP D 1 -5.47 13.90 12.67
C4' GTP D 1 -6.90 13.62 12.94
O4' GTP D 1 -7.75 14.81 12.98
C3' GTP D 1 -7.47 12.68 11.95
O3' GTP D 1 -7.81 11.53 12.59
C2' GTP D 1 -8.59 13.43 11.24
O2' GTP D 1 -9.82 12.77 11.50
C1' GTP D 1 -8.57 14.85 11.75
N9 GTP D 1 -7.92 15.69 10.65
C8 GTP D 1 -6.71 16.37 10.72
N7 GTP D 1 -6.45 16.96 9.61
C5 GTP D 1 -7.44 16.73 8.74
C6 GTP D 1 -7.70 17.12 7.38
O6 GTP D 1 -6.90 17.85 6.78
N1 GTP D 1 -8.86 16.69 6.78
C2 GTP D 1 -9.74 15.87 7.47
N2 GTP D 1 -10.89 15.41 6.87
N3 GTP D 1 -9.50 15.52 8.73
C4 GTP D 1 -8.39 15.90 9.39
ZN ZN E . 15.36 0.93 -22.09
ZN ZN F . 0.91 9.68 27.46
#